data_4PZO
#
_entry.id   4PZO
#
_cell.length_a   123.944
_cell.length_b   51.745
_cell.length_c   124.020
_cell.angle_alpha   90.00
_cell.angle_beta   119.71
_cell.angle_gamma   90.00
#
_symmetry.space_group_name_H-M   'C 1 2 1'
#
loop_
_entity.id
_entity.type
_entity.pdbx_description
1 polymer 'Polyhomeotic-like protein 3'
2 water water
#
_entity_poly.entity_id   1
_entity_poly.type   'polypeptide(L)'
_entity_poly.pdbx_seq_one_letter_code
;MEKTRTEPSIWTVDDVWAFIHSLPGCQDIADEFRAQEIDGQALLLLKEDHLMSAMNIKRGPALKI(CME)ARINSLKESR
HHHHHH
;
_entity_poly.pdbx_strand_id   A,B,C,D,E,F
#
# COMPACT_ATOMS: atom_id res chain seq x y z
N THR A 6 -4.81 -29.37 -31.71
CA THR A 6 -3.52 -29.05 -32.29
C THR A 6 -3.40 -27.55 -32.55
N GLU A 7 -4.50 -26.94 -32.97
CA GLU A 7 -4.52 -25.51 -33.25
C GLU A 7 -4.39 -24.68 -31.97
N PRO A 8 -3.42 -23.77 -31.96
CA PRO A 8 -3.18 -22.92 -30.80
C PRO A 8 -4.44 -22.24 -30.27
N SER A 9 -5.32 -21.79 -31.16
CA SER A 9 -6.52 -21.04 -30.75
C SER A 9 -7.45 -21.85 -29.85
N ILE A 10 -7.39 -23.17 -29.95
CA ILE A 10 -8.27 -24.04 -29.18
C ILE A 10 -7.53 -24.74 -28.04
N TRP A 11 -6.29 -24.33 -27.79
CA TRP A 11 -5.50 -24.89 -26.70
C TRP A 11 -6.04 -24.49 -25.34
N THR A 12 -5.98 -25.41 -24.39
CA THR A 12 -6.44 -25.13 -23.03
C THR A 12 -5.29 -24.64 -22.17
N VAL A 13 -5.58 -24.36 -20.91
CA VAL A 13 -4.56 -23.90 -19.97
C VAL A 13 -3.50 -24.99 -19.77
N ASP A 14 -3.93 -26.24 -19.77
CA ASP A 14 -3.01 -27.38 -19.64
C ASP A 14 -2.11 -27.50 -20.87
N ASP A 15 -2.70 -27.32 -22.06
CA ASP A 15 -1.95 -27.42 -23.30
C ASP A 15 -0.89 -26.32 -23.38
N VAL A 16 -1.24 -25.13 -22.90
CA VAL A 16 -0.30 -24.01 -22.88
C VAL A 16 0.81 -24.27 -21.88
N TRP A 17 0.46 -24.84 -20.74
CA TRP A 17 1.46 -25.17 -19.72
C TRP A 17 2.52 -26.10 -20.28
N ALA A 18 2.09 -27.16 -20.95
CA ALA A 18 3.01 -28.12 -21.54
C ALA A 18 3.90 -27.47 -22.59
N PHE A 19 3.32 -26.52 -23.32
CA PHE A 19 4.04 -25.81 -24.37
C PHE A 19 5.18 -24.96 -23.78
N ILE A 20 4.87 -24.18 -22.76
CA ILE A 20 5.86 -23.34 -22.10
C ILE A 20 6.87 -24.18 -21.35
N HIS A 21 6.38 -25.24 -20.71
CA HIS A 21 7.23 -26.12 -19.91
C HIS A 21 8.31 -26.79 -20.76
N SER A 22 8.00 -27.03 -22.03
CA SER A 22 8.94 -27.68 -22.94
C SER A 22 10.09 -26.76 -23.32
N LEU A 23 9.92 -25.47 -23.08
CA LEU A 23 10.95 -24.48 -23.40
C LEU A 23 12.03 -24.46 -22.32
N PRO A 24 13.29 -24.37 -22.74
CA PRO A 24 14.47 -24.37 -21.84
C PRO A 24 14.41 -23.28 -20.77
N GLY A 25 14.43 -23.70 -19.50
CA GLY A 25 14.46 -22.77 -18.39
C GLY A 25 13.17 -22.02 -18.16
N CYS A 26 12.08 -22.49 -18.76
CA CYS A 26 10.79 -21.84 -18.64
C CYS A 26 9.81 -22.68 -17.82
N GLN A 27 10.32 -23.71 -17.16
CA GLN A 27 9.48 -24.64 -16.40
C GLN A 27 8.64 -23.96 -15.32
N ASP A 28 9.28 -23.13 -14.50
CA ASP A 28 8.58 -22.45 -13.41
C ASP A 28 7.60 -21.39 -13.93
N ILE A 29 7.94 -20.77 -15.05
CA ILE A 29 7.09 -19.76 -15.66
C ILE A 29 5.84 -20.41 -16.25
N ALA A 30 5.99 -21.64 -16.72
CA ALA A 30 4.87 -22.42 -17.21
C ALA A 30 3.81 -22.55 -16.12
N ASP A 31 4.27 -22.72 -14.88
CA ASP A 31 3.38 -22.80 -13.73
C ASP A 31 2.65 -21.49 -13.51
N GLU A 32 3.31 -20.38 -13.82
CA GLU A 32 2.69 -19.06 -13.67
C GLU A 32 1.62 -18.85 -14.73
N PHE A 33 1.90 -19.27 -15.96
CA PHE A 33 0.92 -19.26 -17.03
C PHE A 33 -0.34 -20.00 -16.61
N ARG A 34 -0.17 -21.22 -16.13
CA ARG A 34 -1.27 -22.05 -15.66
C ARG A 34 -2.05 -21.38 -14.54
N ALA A 35 -1.34 -20.75 -13.61
CA ALA A 35 -1.96 -20.06 -12.50
C ALA A 35 -2.75 -18.84 -12.98
N GLN A 36 -2.23 -18.18 -14.01
CA GLN A 36 -2.89 -17.01 -14.56
C GLN A 36 -3.87 -17.38 -15.67
N GLU A 37 -4.12 -18.68 -15.81
CA GLU A 37 -5.11 -19.21 -16.75
C GLU A 37 -4.93 -18.72 -18.18
N ILE A 38 -3.73 -18.82 -18.71
CA ILE A 38 -3.50 -18.49 -20.12
C ILE A 38 -3.80 -19.71 -20.99
N ASP A 39 -4.90 -19.62 -21.74
CA ASP A 39 -5.20 -20.64 -22.75
C ASP A 39 -4.58 -20.22 -24.07
N GLY A 40 -4.94 -20.93 -25.13
CA GLY A 40 -4.38 -20.65 -26.44
C GLY A 40 -4.69 -19.25 -26.94
N GLN A 41 -5.91 -18.80 -26.71
CA GLN A 41 -6.33 -17.46 -27.11
C GLN A 41 -5.53 -16.39 -26.39
N ALA A 42 -5.47 -16.50 -25.06
CA ALA A 42 -4.72 -15.55 -24.24
C ALA A 42 -3.24 -15.55 -24.63
N LEU A 43 -2.74 -16.73 -24.97
CA LEU A 43 -1.34 -16.88 -25.39
C LEU A 43 -1.06 -16.11 -26.67
N LEU A 44 -2.03 -16.11 -27.59
CA LEU A 44 -1.86 -15.42 -28.86
C LEU A 44 -2.12 -13.92 -28.73
N LEU A 45 -2.71 -13.52 -27.61
CA LEU A 45 -3.00 -12.12 -27.35
C LEU A 45 -1.84 -11.43 -26.64
N LEU A 46 -0.86 -12.23 -26.22
CA LEU A 46 0.31 -11.69 -25.54
C LEU A 46 1.16 -10.82 -26.46
N LYS A 47 1.49 -9.63 -26.00
CA LYS A 47 2.41 -8.75 -26.72
C LYS A 47 3.80 -8.88 -26.12
N GLU A 48 4.82 -8.41 -26.85
CA GLU A 48 6.20 -8.51 -26.38
C GLU A 48 6.39 -7.76 -25.07
N ASP A 49 5.69 -6.63 -24.94
CA ASP A 49 5.75 -5.84 -23.72
C ASP A 49 5.15 -6.60 -22.55
N HIS A 50 4.01 -7.24 -22.80
CA HIS A 50 3.29 -8.00 -21.78
C HIS A 50 4.19 -8.98 -21.02
N LEU A 51 5.09 -9.64 -21.74
CA LEU A 51 5.95 -10.67 -21.19
C LEU A 51 6.73 -10.18 -19.99
N MET A 52 7.41 -9.05 -20.13
CA MET A 52 8.04 -8.44 -18.96
C MET A 52 7.66 -6.97 -18.81
N SER A 53 6.43 -6.76 -18.40
CA SER A 53 5.93 -5.45 -17.99
C SER A 53 4.89 -5.65 -16.90
N ALA A 54 4.00 -6.62 -17.13
CA ALA A 54 2.96 -6.95 -16.18
C ALA A 54 3.13 -8.35 -15.62
N MET A 55 3.93 -9.17 -16.31
CA MET A 55 4.09 -10.58 -15.94
C MET A 55 5.35 -10.85 -15.12
N ASN A 56 6.24 -9.86 -15.05
CA ASN A 56 7.48 -9.96 -14.28
C ASN A 56 8.31 -11.19 -14.64
N ILE A 57 8.40 -11.48 -15.93
CA ILE A 57 9.27 -12.54 -16.42
C ILE A 57 10.64 -11.94 -16.70
N LYS A 58 11.69 -12.68 -16.36
CA LYS A 58 13.03 -12.24 -16.66
C LYS A 58 13.20 -12.22 -18.17
N ARG A 59 13.99 -11.25 -18.63
CA ARG A 59 14.16 -11.01 -20.06
C ARG A 59 14.60 -12.23 -20.86
N GLY A 60 15.46 -13.04 -20.26
CA GLY A 60 15.96 -14.26 -20.87
C GLY A 60 14.89 -15.21 -21.38
N PRO A 61 14.16 -15.86 -20.47
CA PRO A 61 13.06 -16.76 -20.82
C PRO A 61 11.89 -16.05 -21.50
N ALA A 62 11.73 -14.76 -21.24
CA ALA A 62 10.71 -13.96 -21.92
C ALA A 62 11.02 -13.84 -23.41
N LEU A 63 12.31 -13.83 -23.74
CA LEU A 63 12.72 -13.76 -25.14
C LEU A 63 12.40 -15.06 -25.87
N LYS A 64 12.64 -16.17 -25.21
CA LYS A 64 12.39 -17.49 -25.80
C LYS A 64 10.91 -17.72 -26.01
N ILE A 65 10.10 -17.36 -25.01
CA ILE A 65 8.65 -17.52 -25.09
C ILE A 65 8.08 -16.68 -26.23
N CME A 66 8.54 -15.43 -26.35
CA CME A 66 8.09 -14.54 -27.41
CB CME A 66 8.72 -13.15 -27.40
SG CME A 66 7.78 -11.91 -28.22
SD CME A 66 5.80 -12.06 -27.50
CE CME A 66 4.84 -12.80 -28.78
CZ CME A 66 4.63 -11.90 -29.97
OH CME A 66 3.82 -12.62 -30.89
C CME A 66 8.40 -15.16 -28.77
O CME A 66 7.62 -15.15 -29.72
N ALA A 67 9.61 -15.70 -28.86
CA ALA A 67 10.11 -16.29 -30.10
C ALA A 67 9.27 -17.50 -30.53
N ARG A 68 8.93 -18.36 -29.58
CA ARG A 68 8.17 -19.55 -29.89
C ARG A 68 6.72 -19.23 -30.23
N ILE A 69 6.18 -18.20 -29.58
CA ILE A 69 4.84 -17.72 -29.90
C ILE A 69 4.84 -17.17 -31.32
N ASN A 70 5.91 -16.47 -31.68
CA ASN A 70 6.06 -15.94 -33.03
C ASN A 70 6.21 -17.04 -34.07
N SER A 71 6.92 -18.10 -33.72
CA SER A 71 7.08 -19.25 -34.60
C SER A 71 5.74 -19.98 -34.74
N LEU A 72 4.88 -19.82 -33.76
CA LEU A 72 3.56 -20.44 -33.78
C LEU A 72 2.65 -19.73 -34.77
N LYS A 73 2.58 -18.41 -34.65
CA LYS A 73 1.78 -17.59 -35.55
C LYS A 73 2.33 -17.65 -36.96
N GLU A 74 3.62 -17.91 -37.08
CA GLU A 74 4.27 -17.96 -38.38
C GLU A 74 3.78 -19.12 -39.23
N SER A 75 4.42 -20.27 -39.06
CA SER A 75 4.09 -21.45 -39.84
C SER A 75 2.89 -22.12 -39.21
N ARG A 76 1.74 -21.87 -39.83
CA ARG A 76 0.45 -22.24 -39.30
C ARG A 76 -0.57 -21.32 -39.96
N ARG B 5 -28.38 -6.70 -29.99
CA ARG B 5 -29.27 -5.74 -30.64
C ARG B 5 -29.36 -4.43 -29.85
N THR B 6 -28.36 -4.17 -29.03
CA THR B 6 -28.34 -2.97 -28.20
C THR B 6 -26.93 -2.38 -28.08
N GLU B 7 -26.86 -1.06 -28.13
CA GLU B 7 -25.58 -0.36 -28.04
C GLU B 7 -24.94 -0.59 -26.66
N PRO B 8 -23.63 -0.86 -26.64
CA PRO B 8 -22.94 -1.19 -25.39
C PRO B 8 -22.97 -0.08 -24.34
N SER B 9 -23.00 1.17 -24.79
CA SER B 9 -22.94 2.31 -23.85
C SER B 9 -24.14 2.35 -22.91
N ILE B 10 -25.24 1.70 -23.32
CA ILE B 10 -26.44 1.67 -22.49
C ILE B 10 -26.62 0.33 -21.81
N TRP B 11 -25.64 -0.56 -21.99
CA TRP B 11 -25.67 -1.86 -21.33
C TRP B 11 -25.72 -1.71 -19.81
N THR B 12 -26.67 -2.40 -19.18
CA THR B 12 -26.75 -2.40 -17.73
C THR B 12 -25.62 -3.26 -17.16
N VAL B 13 -25.57 -3.34 -15.84
CA VAL B 13 -24.58 -4.18 -15.17
C VAL B 13 -24.77 -5.64 -15.57
N ASP B 14 -26.03 -6.06 -15.66
CA ASP B 14 -26.35 -7.44 -16.01
C ASP B 14 -26.05 -7.74 -17.48
N ASP B 15 -26.23 -6.75 -18.34
CA ASP B 15 -25.91 -6.90 -19.75
C ASP B 15 -24.42 -7.17 -19.93
N VAL B 16 -23.62 -6.52 -19.10
CA VAL B 16 -22.17 -6.69 -19.14
C VAL B 16 -21.77 -8.07 -18.61
N TRP B 17 -22.44 -8.52 -17.55
CA TRP B 17 -22.18 -9.83 -16.97
C TRP B 17 -22.33 -10.92 -18.03
N ALA B 18 -23.47 -10.94 -18.70
CA ALA B 18 -23.75 -11.92 -19.75
C ALA B 18 -22.74 -11.82 -20.87
N PHE B 19 -22.25 -10.61 -21.11
CA PHE B 19 -21.22 -10.38 -22.11
C PHE B 19 -19.91 -11.04 -21.71
N ILE B 20 -19.44 -10.75 -20.50
CA ILE B 20 -18.20 -11.32 -19.98
C ILE B 20 -18.35 -12.83 -19.79
N HIS B 21 -19.53 -13.25 -19.35
CA HIS B 21 -19.81 -14.66 -19.10
C HIS B 21 -19.72 -15.49 -20.39
N SER B 22 -20.08 -14.87 -21.51
CA SER B 22 -20.07 -15.55 -22.80
C SER B 22 -18.64 -15.79 -23.28
N LEU B 23 -17.71 -14.97 -22.80
CA LEU B 23 -16.31 -15.08 -23.20
C LEU B 23 -15.69 -16.37 -22.67
N PRO B 24 -14.75 -16.95 -23.43
CA PRO B 24 -14.09 -18.22 -23.08
C PRO B 24 -13.35 -18.17 -21.74
N GLY B 25 -13.73 -19.04 -20.82
CA GLY B 25 -13.07 -19.14 -19.53
C GLY B 25 -13.28 -17.95 -18.62
N CYS B 26 -14.18 -17.05 -19.01
CA CYS B 26 -14.45 -15.85 -18.24
C CYS B 26 -15.80 -15.92 -17.53
N GLN B 27 -16.31 -17.14 -17.36
CA GLN B 27 -17.63 -17.32 -16.76
C GLN B 27 -17.64 -16.98 -15.27
N ASP B 28 -16.54 -17.27 -14.59
CA ASP B 28 -16.43 -16.99 -13.16
C ASP B 28 -16.12 -15.52 -12.89
N ILE B 29 -15.22 -14.95 -13.69
CA ILE B 29 -14.78 -13.58 -13.49
C ILE B 29 -15.85 -12.58 -13.89
N ALA B 30 -16.87 -13.06 -14.61
CA ALA B 30 -17.99 -12.22 -15.00
C ALA B 30 -18.73 -11.71 -13.77
N ASP B 31 -18.72 -12.52 -12.72
CA ASP B 31 -19.37 -12.15 -11.47
C ASP B 31 -18.66 -10.99 -10.79
N GLU B 32 -17.36 -10.86 -11.04
CA GLU B 32 -16.60 -9.77 -10.46
C GLU B 32 -16.99 -8.43 -11.07
N PHE B 33 -17.24 -8.43 -12.38
CA PHE B 33 -17.72 -7.24 -13.07
C PHE B 33 -19.05 -6.78 -12.48
N ARG B 34 -19.96 -7.73 -12.28
CA ARG B 34 -21.25 -7.44 -11.67
C ARG B 34 -21.06 -6.99 -10.23
N ALA B 35 -20.14 -7.65 -9.52
CA ALA B 35 -19.83 -7.29 -8.14
C ALA B 35 -19.29 -5.87 -8.07
N GLN B 36 -18.51 -5.48 -9.08
CA GLN B 36 -17.98 -4.13 -9.16
C GLN B 36 -18.95 -3.19 -9.87
N GLU B 37 -20.10 -3.74 -10.23
CA GLU B 37 -21.16 -2.97 -10.90
C GLU B 37 -20.63 -2.24 -12.14
N ILE B 38 -19.97 -2.99 -13.02
CA ILE B 38 -19.50 -2.45 -14.27
C ILE B 38 -20.61 -2.50 -15.31
N ASP B 39 -21.25 -1.37 -15.58
CA ASP B 39 -22.23 -1.30 -16.65
C ASP B 39 -21.53 -1.03 -17.97
N GLY B 40 -22.30 -0.84 -19.03
CA GLY B 40 -21.74 -0.62 -20.34
C GLY B 40 -20.84 0.61 -20.41
N GLN B 41 -21.19 1.64 -19.64
CA GLN B 41 -20.41 2.86 -19.62
C GLN B 41 -19.04 2.63 -18.98
N ALA B 42 -19.04 2.01 -17.80
CA ALA B 42 -17.80 1.71 -17.09
C ALA B 42 -16.97 0.68 -17.84
N LEU B 43 -17.64 -0.16 -18.62
CA LEU B 43 -16.97 -1.18 -19.42
C LEU B 43 -16.10 -0.54 -20.49
N LEU B 44 -16.61 0.51 -21.12
CA LEU B 44 -15.91 1.18 -22.21
C LEU B 44 -14.85 2.14 -21.69
N LEU B 45 -14.86 2.39 -20.38
CA LEU B 45 -13.88 3.28 -19.76
C LEU B 45 -12.66 2.49 -19.28
N LEU B 46 -12.80 1.18 -19.21
CA LEU B 46 -11.72 0.30 -18.76
C LEU B 46 -10.51 0.35 -19.66
N LYS B 47 -9.34 0.45 -19.05
CA LYS B 47 -8.08 0.35 -19.78
C LYS B 47 -7.46 -1.02 -19.56
N GLU B 48 -6.41 -1.31 -20.32
CA GLU B 48 -5.75 -2.60 -20.25
C GLU B 48 -5.15 -2.84 -18.88
N ASP B 49 -4.63 -1.78 -18.27
CA ASP B 49 -4.02 -1.84 -16.94
C ASP B 49 -5.08 -2.02 -15.86
N HIS B 50 -6.29 -1.55 -16.14
CA HIS B 50 -7.38 -1.62 -15.16
C HIS B 50 -7.82 -3.04 -14.85
N LEU B 51 -7.77 -3.90 -15.87
CA LEU B 51 -8.30 -5.26 -15.74
C LEU B 51 -7.61 -6.06 -14.64
N MET B 52 -6.31 -6.29 -14.78
CA MET B 52 -5.59 -7.12 -13.82
C MET B 52 -5.29 -6.40 -12.51
N SER B 53 -4.78 -5.18 -12.62
CA SER B 53 -4.30 -4.44 -11.46
C SER B 53 -5.42 -4.01 -10.52
N ALA B 54 -6.46 -3.39 -11.07
CA ALA B 54 -7.52 -2.82 -10.25
C ALA B 54 -8.60 -3.85 -9.87
N MET B 55 -8.70 -4.93 -10.62
CA MET B 55 -9.80 -5.87 -10.42
C MET B 55 -9.32 -7.30 -10.18
N ASN B 56 -8.05 -7.44 -9.81
CA ASN B 56 -7.44 -8.74 -9.45
C ASN B 56 -7.45 -9.80 -10.57
N ILE B 57 -8.10 -9.48 -11.68
CA ILE B 57 -8.30 -10.41 -12.79
C ILE B 57 -7.01 -11.08 -13.28
N LYS B 58 -7.05 -12.40 -13.42
CA LYS B 58 -5.92 -13.15 -13.96
C LYS B 58 -5.62 -12.72 -15.40
N ARG B 59 -4.36 -12.78 -15.79
CA ARG B 59 -3.95 -12.25 -17.09
C ARG B 59 -4.60 -12.95 -18.27
N GLY B 60 -4.91 -14.23 -18.11
CA GLY B 60 -5.58 -14.98 -19.16
C GLY B 60 -6.86 -14.31 -19.65
N PRO B 61 -7.90 -14.30 -18.80
CA PRO B 61 -9.16 -13.62 -19.09
C PRO B 61 -8.98 -12.15 -19.46
N ALA B 62 -8.08 -11.46 -18.76
CA ALA B 62 -7.84 -10.03 -18.99
C ALA B 62 -7.46 -9.75 -20.44
N LEU B 63 -6.63 -10.62 -21.02
CA LEU B 63 -6.23 -10.49 -22.42
C LEU B 63 -7.41 -10.71 -23.35
N LYS B 64 -8.20 -11.74 -23.05
CA LYS B 64 -9.37 -12.07 -23.86
C LYS B 64 -10.47 -11.03 -23.70
N ILE B 65 -10.66 -10.55 -22.48
CA ILE B 65 -11.65 -9.51 -22.21
C ILE B 65 -11.29 -8.21 -22.92
N CME B 66 -10.02 -7.82 -22.81
CA CME B 66 -9.55 -6.57 -23.38
CB CME B 66 -8.12 -6.18 -23.02
SG CME B 66 -7.66 -4.55 -23.48
SD CME B 66 -8.95 -3.24 -22.45
CE CME B 66 -8.85 -1.68 -23.26
CZ CME B 66 -10.19 -1.20 -23.78
OH CME B 66 -10.06 -1.05 -25.19
C CME B 66 -9.66 -6.59 -24.90
O CME B 66 -9.96 -5.61 -25.58
N ALA B 67 -9.38 -7.77 -25.46
CA ALA B 67 -9.42 -7.96 -26.91
C ALA B 67 -10.84 -7.86 -27.44
N ARG B 68 -11.77 -8.51 -26.75
CA ARG B 68 -13.17 -8.51 -27.16
C ARG B 68 -13.83 -7.15 -26.95
N ILE B 69 -13.31 -6.38 -26.01
CA ILE B 69 -13.79 -5.02 -25.78
C ILE B 69 -13.35 -4.12 -26.93
N ASN B 70 -12.14 -4.35 -27.42
CA ASN B 70 -11.63 -3.61 -28.57
C ASN B 70 -12.43 -3.90 -29.83
N SER B 71 -12.80 -5.16 -30.01
CA SER B 71 -13.65 -5.56 -31.14
C SER B 71 -15.05 -4.98 -30.98
N LEU B 72 -15.46 -4.81 -29.73
CA LEU B 72 -16.75 -4.19 -29.41
C LEU B 72 -16.72 -2.72 -29.82
N LYS B 73 -15.62 -2.06 -29.51
CA LYS B 73 -15.41 -0.67 -29.94
C LYS B 73 -15.10 -0.63 -31.44
N GLU B 74 -14.95 -1.80 -32.04
CA GLU B 74 -14.64 -1.98 -33.46
C GLU B 74 -13.27 -1.42 -33.86
N SER B 75 -12.58 -0.77 -32.92
CA SER B 75 -11.26 -0.21 -33.15
C SER B 75 -11.21 0.69 -34.39
N THR C 4 -23.15 32.91 -7.52
CA THR C 4 -21.74 33.13 -7.22
C THR C 4 -20.86 32.91 -8.44
N ARG C 5 -20.08 31.84 -8.42
CA ARG C 5 -19.17 31.51 -9.52
C ARG C 5 -19.48 30.11 -10.06
N THR C 6 -19.31 29.92 -11.36
CA THR C 6 -19.65 28.65 -12.01
C THR C 6 -18.50 27.64 -11.98
N GLU C 7 -17.30 28.13 -11.68
CA GLU C 7 -16.10 27.30 -11.70
C GLU C 7 -16.11 26.23 -10.62
N PRO C 8 -15.67 25.01 -10.97
CA PRO C 8 -15.61 23.89 -10.01
C PRO C 8 -14.50 24.01 -8.97
N SER C 9 -13.50 24.84 -9.23
CA SER C 9 -12.37 24.95 -8.32
C SER C 9 -12.76 25.55 -6.97
N ILE C 10 -13.85 26.30 -6.95
CA ILE C 10 -14.32 26.89 -5.69
C ILE C 10 -15.60 26.20 -5.20
N TRP C 11 -15.87 25.01 -5.73
CA TRP C 11 -16.99 24.21 -5.25
C TRP C 11 -16.84 23.87 -3.78
N THR C 12 -17.94 23.97 -3.03
CA THR C 12 -17.94 23.61 -1.63
C THR C 12 -18.06 22.11 -1.48
N VAL C 13 -18.07 21.63 -0.23
CA VAL C 13 -18.22 20.21 0.03
C VAL C 13 -19.61 19.75 -0.41
N ASP C 14 -20.59 20.63 -0.27
CA ASP C 14 -21.96 20.34 -0.68
C ASP C 14 -22.09 20.24 -2.19
N ASP C 15 -21.43 21.15 -2.90
CA ASP C 15 -21.48 21.19 -4.36
C ASP C 15 -20.94 19.90 -4.97
N VAL C 16 -19.87 19.37 -4.38
CA VAL C 16 -19.28 18.12 -4.83
C VAL C 16 -20.26 16.96 -4.64
N TRP C 17 -20.89 16.90 -3.47
CA TRP C 17 -21.88 15.87 -3.19
C TRP C 17 -22.96 15.88 -4.26
N ALA C 18 -23.55 17.05 -4.49
CA ALA C 18 -24.61 17.22 -5.47
C ALA C 18 -24.14 16.83 -6.87
N PHE C 19 -22.87 17.06 -7.15
CA PHE C 19 -22.28 16.68 -8.42
C PHE C 19 -22.12 15.16 -8.54
N ILE C 20 -21.62 14.54 -7.48
CA ILE C 20 -21.43 13.09 -7.47
C ILE C 20 -22.75 12.35 -7.31
N HIS C 21 -23.63 12.89 -6.48
CA HIS C 21 -24.93 12.28 -6.20
C HIS C 21 -25.82 12.24 -7.45
N SER C 22 -25.55 13.15 -8.38
CA SER C 22 -26.34 13.23 -9.61
C SER C 22 -25.89 12.19 -10.62
N LEU C 23 -24.77 11.53 -10.35
CA LEU C 23 -24.23 10.53 -11.25
C LEU C 23 -24.86 9.16 -10.99
N PRO C 24 -25.06 8.37 -12.07
CA PRO C 24 -25.69 7.05 -11.99
C PRO C 24 -24.95 6.06 -11.09
N GLY C 25 -25.64 5.57 -10.06
CA GLY C 25 -25.08 4.58 -9.17
C GLY C 25 -23.96 5.08 -8.29
N CYS C 26 -23.85 6.39 -8.14
CA CYS C 26 -22.81 6.99 -7.32
C CYS C 26 -23.40 7.76 -6.14
N GLN C 27 -24.64 7.45 -5.80
CA GLN C 27 -25.35 8.19 -4.76
C GLN C 27 -24.82 7.91 -3.35
N ASP C 28 -24.26 6.72 -3.15
CA ASP C 28 -23.64 6.39 -1.86
C ASP C 28 -22.24 6.98 -1.78
N ILE C 29 -21.56 7.02 -2.91
CA ILE C 29 -20.19 7.52 -2.98
C ILE C 29 -20.13 9.02 -2.69
N ALA C 30 -21.15 9.75 -3.13
CA ALA C 30 -21.25 11.17 -2.85
C ALA C 30 -21.25 11.43 -1.35
N ASP C 31 -21.97 10.59 -0.62
CA ASP C 31 -22.02 10.68 0.83
C ASP C 31 -20.65 10.48 1.44
N GLU C 32 -19.86 9.59 0.84
CA GLU C 32 -18.50 9.37 1.28
C GLU C 32 -17.64 10.58 0.96
N PHE C 33 -17.78 11.08 -0.26
CA PHE C 33 -17.09 12.29 -0.69
C PHE C 33 -17.36 13.45 0.26
N ARG C 34 -18.62 13.58 0.67
CA ARG C 34 -19.04 14.63 1.58
C ARG C 34 -18.44 14.41 2.97
N ALA C 35 -18.42 13.16 3.41
CA ALA C 35 -17.91 12.82 4.73
C ALA C 35 -16.40 13.08 4.82
N GLN C 36 -15.70 12.92 3.71
CA GLN C 36 -14.26 13.14 3.67
C GLN C 36 -13.94 14.61 3.41
N GLU C 37 -14.97 15.46 3.48
CA GLU C 37 -14.83 16.90 3.27
C GLU C 37 -14.15 17.23 1.94
N ILE C 38 -14.49 16.47 0.90
CA ILE C 38 -13.92 16.70 -0.41
C ILE C 38 -14.65 17.84 -1.12
N ASP C 39 -14.02 19.01 -1.16
CA ASP C 39 -14.58 20.15 -1.86
C ASP C 39 -14.05 20.18 -3.29
N GLY C 40 -14.43 21.22 -4.03
CA GLY C 40 -14.04 21.33 -5.43
C GLY C 40 -12.54 21.35 -5.64
N GLN C 41 -11.84 22.01 -4.73
CA GLN C 41 -10.39 22.09 -4.79
C GLN C 41 -9.76 20.69 -4.67
N ALA C 42 -10.28 19.91 -3.73
CA ALA C 42 -9.77 18.56 -3.49
C ALA C 42 -10.25 17.60 -4.58
N LEU C 43 -11.42 17.88 -5.12
CA LEU C 43 -11.99 17.04 -6.18
C LEU C 43 -11.12 17.05 -7.42
N LEU C 44 -10.43 18.17 -7.64
CA LEU C 44 -9.56 18.32 -8.81
C LEU C 44 -8.17 17.76 -8.54
N LEU C 45 -7.89 17.40 -7.29
CA LEU C 45 -6.59 16.86 -6.91
C LEU C 45 -6.59 15.35 -6.91
N LEU C 46 -7.78 14.76 -7.00
CA LEU C 46 -7.93 13.31 -7.03
C LEU C 46 -7.25 12.69 -8.24
N LYS C 47 -6.54 11.58 -8.01
CA LYS C 47 -5.87 10.87 -9.08
C LYS C 47 -6.62 9.59 -9.43
N GLU C 48 -6.26 8.99 -10.56
CA GLU C 48 -6.91 7.78 -11.03
C GLU C 48 -6.70 6.64 -10.02
N ASP C 49 -5.51 6.58 -9.45
CA ASP C 49 -5.19 5.57 -8.45
C ASP C 49 -6.01 5.73 -7.17
N HIS C 50 -6.37 6.97 -6.87
CA HIS C 50 -7.16 7.28 -5.68
C HIS C 50 -8.53 6.62 -5.73
N LEU C 51 -9.16 6.68 -6.89
CA LEU C 51 -10.49 6.12 -7.07
C LEU C 51 -10.45 4.60 -7.24
N MET C 52 -9.65 4.13 -8.19
CA MET C 52 -9.61 2.71 -8.54
C MET C 52 -9.17 1.85 -7.35
N SER C 53 -8.17 2.30 -6.61
CA SER C 53 -7.58 1.48 -5.55
C SER C 53 -7.69 2.06 -4.13
N ALA C 54 -7.16 3.25 -3.94
CA ALA C 54 -7.01 3.84 -2.62
C ALA C 54 -8.17 3.56 -1.69
N MET C 55 -9.32 4.15 -1.95
CA MET C 55 -10.44 3.99 -1.04
C MET C 55 -11.42 2.92 -1.50
N ASN C 56 -12.33 2.56 -0.60
CA ASN C 56 -13.26 1.45 -0.79
C ASN C 56 -14.39 1.75 -1.77
N ILE C 57 -14.03 1.91 -3.03
CA ILE C 57 -15.02 2.29 -4.05
C ILE C 57 -15.02 1.30 -5.21
N LYS C 58 -16.21 0.83 -5.57
CA LYS C 58 -16.38 -0.09 -6.69
C LYS C 58 -15.83 0.53 -7.97
N ARG C 59 -15.13 -0.28 -8.76
CA ARG C 59 -14.43 0.19 -9.96
C ARG C 59 -15.35 0.85 -10.97
N GLY C 60 -16.55 0.30 -11.13
CA GLY C 60 -17.53 0.80 -12.07
C GLY C 60 -17.82 2.27 -11.89
N PRO C 61 -18.47 2.63 -10.77
CA PRO C 61 -18.71 4.03 -10.45
C PRO C 61 -17.42 4.85 -10.40
N ALA C 62 -16.34 4.26 -9.91
CA ALA C 62 -15.05 4.95 -9.84
C ALA C 62 -14.55 5.35 -11.23
N LEU C 63 -14.79 4.48 -12.20
CA LEU C 63 -14.43 4.77 -13.59
C LEU C 63 -15.25 5.92 -14.15
N LYS C 64 -16.54 5.95 -13.80
CA LYS C 64 -17.42 7.01 -14.28
C LYS C 64 -17.09 8.35 -13.66
N ILE C 65 -16.91 8.35 -12.35
CA ILE C 65 -16.55 9.56 -11.61
C ILE C 65 -15.24 10.14 -12.13
N CME C 66 -14.28 9.27 -12.39
CA CME C 66 -12.98 9.67 -12.88
CB CME C 66 -11.98 8.52 -13.07
SG CME C 66 -10.29 9.01 -13.26
SD CME C 66 -9.79 10.05 -11.51
CE CME C 66 -9.55 11.73 -11.95
CZ CME C 66 -8.42 11.93 -12.94
OH CME C 66 -8.45 13.30 -13.33
C CME C 66 -13.13 10.37 -14.23
O CME C 66 -12.56 11.42 -14.51
N ALA C 67 -13.92 9.75 -15.09
CA ALA C 67 -14.13 10.23 -16.44
C ALA C 67 -14.85 11.58 -16.45
N ARG C 68 -15.73 11.79 -15.48
CA ARG C 68 -16.51 13.02 -15.42
C ARG C 68 -15.67 14.17 -14.87
N ILE C 69 -14.66 13.83 -14.07
CA ILE C 69 -13.72 14.82 -13.57
C ILE C 69 -12.79 15.24 -14.70
N ASN C 70 -12.37 14.25 -15.50
CA ASN C 70 -11.52 14.52 -16.66
C ASN C 70 -12.20 15.43 -17.67
N SER C 71 -13.50 15.21 -17.88
CA SER C 71 -14.28 16.03 -18.80
C SER C 71 -14.58 17.40 -18.18
N LEU C 72 -14.60 17.43 -16.85
CA LEU C 72 -14.86 18.66 -16.11
C LEU C 72 -13.71 19.65 -16.25
N LYS C 73 -12.54 19.13 -16.58
CA LYS C 73 -11.33 19.94 -16.64
C LYS C 73 -11.12 20.58 -18.01
N GLU C 74 -12.18 20.61 -18.81
CA GLU C 74 -12.14 21.27 -20.12
C GLU C 74 -13.48 21.92 -20.45
N THR D 6 12.10 31.71 5.56
CA THR D 6 11.44 31.58 4.26
C THR D 6 11.60 30.18 3.70
N GLU D 7 12.83 29.66 3.76
CA GLU D 7 13.11 28.29 3.36
C GLU D 7 12.39 27.32 4.30
N PRO D 8 11.62 26.37 3.73
CA PRO D 8 10.79 25.47 4.53
C PRO D 8 11.58 24.56 5.47
N SER D 9 12.83 24.27 5.13
CA SER D 9 13.66 23.37 5.93
C SER D 9 13.94 23.91 7.33
N ILE D 10 13.87 25.23 7.48
CA ILE D 10 14.14 25.86 8.77
C ILE D 10 12.87 26.38 9.44
N TRP D 11 11.71 26.02 8.87
CA TRP D 11 10.43 26.40 9.45
C TRP D 11 10.23 25.75 10.81
N THR D 12 9.54 26.45 11.70
CA THR D 12 9.25 25.93 13.03
C THR D 12 7.81 25.41 13.08
N VAL D 13 7.42 24.92 14.24
CA VAL D 13 6.08 24.38 14.43
C VAL D 13 5.02 25.47 14.26
N ASP D 14 5.32 26.67 14.76
CA ASP D 14 4.44 27.82 14.59
C ASP D 14 4.31 28.21 13.13
N ASP D 15 5.42 28.14 12.41
CA ASP D 15 5.45 28.48 10.98
C ASP D 15 4.61 27.50 10.17
N VAL D 16 4.79 26.21 10.44
CA VAL D 16 4.04 25.16 9.75
C VAL D 16 2.54 25.28 10.07
N TRP D 17 2.24 25.67 11.31
CA TRP D 17 0.85 25.86 11.71
C TRP D 17 0.17 26.89 10.83
N ALA D 18 0.82 28.04 10.65
CA ALA D 18 0.27 29.12 9.84
C ALA D 18 0.13 28.68 8.38
N PHE D 19 1.02 27.80 7.94
CA PHE D 19 1.00 27.29 6.58
C PHE D 19 -0.26 26.46 6.32
N ILE D 20 -0.51 25.49 7.20
CA ILE D 20 -1.68 24.62 7.07
C ILE D 20 -2.96 25.42 7.33
N HIS D 21 -2.88 26.36 8.27
CA HIS D 21 -4.03 27.17 8.64
C HIS D 21 -4.44 28.15 7.53
N SER D 22 -3.57 28.32 6.54
CA SER D 22 -3.87 29.19 5.42
C SER D 22 -4.65 28.44 4.35
N LEU D 23 -4.70 27.12 4.47
CA LEU D 23 -5.39 26.28 3.49
C LEU D 23 -6.87 26.17 3.83
N PRO D 24 -7.72 26.20 2.79
CA PRO D 24 -9.18 26.14 2.94
C PRO D 24 -9.65 24.90 3.69
N GLY D 25 -10.29 25.09 4.83
CA GLY D 25 -10.83 23.99 5.62
C GLY D 25 -9.77 23.19 6.36
N CYS D 26 -8.53 23.68 6.31
CA CYS D 26 -7.43 22.99 6.98
C CYS D 26 -7.03 23.69 8.27
N GLN D 27 -7.93 24.51 8.79
CA GLN D 27 -7.63 25.32 9.97
C GLN D 27 -7.75 24.52 11.26
N ASP D 28 -8.37 23.35 11.19
CA ASP D 28 -8.50 22.48 12.35
C ASP D 28 -7.34 21.51 12.44
N ILE D 29 -6.96 20.93 11.31
CA ILE D 29 -5.83 20.02 11.26
C ILE D 29 -4.53 20.79 11.55
N ALA D 30 -4.51 22.06 11.16
CA ALA D 30 -3.36 22.93 11.45
C ALA D 30 -2.97 22.83 12.91
N ASP D 31 -3.98 22.81 13.79
CA ASP D 31 -3.76 22.66 15.22
C ASP D 31 -3.17 21.29 15.54
N GLU D 32 -3.63 20.27 14.81
CA GLU D 32 -3.14 18.92 15.02
C GLU D 32 -1.73 18.79 14.49
N PHE D 33 -1.41 19.58 13.47
CA PHE D 33 -0.04 19.65 12.96
C PHE D 33 0.87 20.27 14.00
N ARG D 34 0.34 21.26 14.73
CA ARG D 34 1.11 21.94 15.76
C ARG D 34 1.20 21.10 17.03
N ALA D 35 0.11 20.43 17.37
CA ALA D 35 0.06 19.61 18.58
C ALA D 35 1.07 18.46 18.52
N GLN D 36 1.30 17.94 17.33
CA GLN D 36 2.23 16.84 17.14
C GLN D 36 3.65 17.34 16.86
N GLU D 37 3.84 18.64 17.03
CA GLU D 37 5.15 19.27 16.84
C GLU D 37 5.73 19.02 15.47
N ILE D 38 4.94 19.28 14.43
CA ILE D 38 5.43 19.14 13.06
C ILE D 38 6.06 20.45 12.59
N ASP D 39 7.39 20.49 12.55
CA ASP D 39 8.10 21.65 12.04
C ASP D 39 8.32 21.50 10.53
N GLY D 40 9.12 22.40 9.97
CA GLY D 40 9.37 22.41 8.54
C GLY D 40 10.01 21.14 8.03
N GLN D 41 10.84 20.51 8.85
CA GLN D 41 11.51 19.28 8.48
C GLN D 41 10.55 18.10 8.45
N ALA D 42 9.78 17.94 9.52
CA ALA D 42 8.78 16.87 9.60
C ALA D 42 7.74 17.02 8.51
N LEU D 43 7.44 18.26 8.15
CA LEU D 43 6.49 18.56 7.10
C LEU D 43 6.96 18.00 5.75
N LEU D 44 8.25 18.13 5.49
CA LEU D 44 8.82 17.67 4.22
C LEU D 44 9.06 16.17 4.22
N LEU D 45 9.00 15.56 5.40
CA LEU D 45 9.19 14.12 5.53
C LEU D 45 7.88 13.36 5.36
N LEU D 46 6.77 14.10 5.41
CA LEU D 46 5.45 13.51 5.30
C LEU D 46 5.23 12.83 3.95
N LYS D 47 4.67 11.62 4.00
CA LYS D 47 4.30 10.90 2.79
C LYS D 47 2.78 10.94 2.63
N GLU D 48 2.29 10.55 1.46
CA GLU D 48 0.87 10.62 1.17
C GLU D 48 0.07 9.67 2.07
N ASP D 49 0.69 8.56 2.44
CA ASP D 49 0.03 7.57 3.30
C ASP D 49 -0.02 8.07 4.75
N HIS D 50 0.98 8.84 5.14
CA HIS D 50 1.05 9.40 6.49
C HIS D 50 -0.20 10.22 6.80
N LEU D 51 -0.62 11.05 5.84
CA LEU D 51 -1.72 11.97 6.05
C LEU D 51 -3.03 11.27 6.44
N MET D 52 -3.49 10.36 5.58
CA MET D 52 -4.78 9.71 5.81
C MET D 52 -4.76 8.70 6.97
N SER D 53 -4.30 7.49 6.68
CA SER D 53 -4.42 6.37 7.63
C SER D 53 -3.66 6.56 8.93
N ALA D 54 -2.53 7.27 8.86
CA ALA D 54 -1.66 7.40 10.04
C ALA D 54 -2.04 8.60 10.91
N MET D 55 -2.42 9.71 10.28
CA MET D 55 -2.68 10.94 11.02
C MET D 55 -4.16 11.20 11.24
N ASN D 56 -5.00 10.23 10.85
CA ASN D 56 -6.45 10.34 11.03
C ASN D 56 -7.03 11.56 10.33
N ILE D 57 -6.62 11.77 9.08
CA ILE D 57 -7.05 12.96 8.34
C ILE D 57 -7.93 12.57 7.15
N LYS D 58 -9.07 13.25 7.04
CA LYS D 58 -9.98 13.00 5.93
C LYS D 58 -9.32 13.30 4.60
N ARG D 59 -9.72 12.55 3.57
CA ARG D 59 -9.06 12.59 2.27
C ARG D 59 -9.08 13.99 1.62
N GLY D 60 -10.17 14.72 1.84
CA GLY D 60 -10.32 16.06 1.29
C GLY D 60 -9.19 17.01 1.63
N PRO D 61 -9.04 17.36 2.92
CA PRO D 61 -7.93 18.15 3.46
C PRO D 61 -6.57 17.52 3.20
N ALA D 62 -6.47 16.20 3.33
CA ALA D 62 -5.23 15.46 3.10
C ALA D 62 -4.73 15.65 1.67
N LEU D 63 -5.66 15.73 0.73
CA LEU D 63 -5.32 15.98 -0.68
C LEU D 63 -4.73 17.37 -0.88
N LYS D 64 -5.38 18.36 -0.29
CA LYS D 64 -4.97 19.75 -0.45
C LYS D 64 -3.65 20.05 0.25
N ILE D 65 -3.45 19.45 1.43
CA ILE D 65 -2.20 19.61 2.15
C ILE D 65 -1.05 18.94 1.39
N CME D 66 -1.31 17.74 0.87
CA CME D 66 -0.32 16.99 0.14
CB CME D 66 -0.78 15.59 -0.30
SG CME D 66 0.46 14.63 -1.10
SD CME D 66 1.89 14.14 0.37
CE CME D 66 3.21 15.29 0.20
CZ CME D 66 4.44 14.69 -0.46
OH CME D 66 5.15 15.78 -1.05
C CME D 66 0.13 17.75 -1.10
O CME D 66 1.30 17.80 -1.49
N ALA D 67 -0.86 18.37 -1.74
CA ALA D 67 -0.64 19.13 -2.97
C ALA D 67 0.18 20.38 -2.69
N ARG D 68 -0.14 21.07 -1.61
CA ARG D 68 0.55 22.31 -1.24
C ARG D 68 2.01 22.05 -0.86
N ILE D 69 2.27 20.87 -0.28
CA ILE D 69 3.62 20.47 0.06
C ILE D 69 4.43 20.23 -1.21
N ASN D 70 3.80 19.62 -2.20
CA ASN D 70 4.43 19.39 -3.50
C ASN D 70 4.78 20.71 -4.20
N SER D 71 4.04 21.75 -3.86
CA SER D 71 4.29 23.08 -4.42
C SER D 71 5.55 23.69 -3.82
N LEU D 72 5.77 23.48 -2.52
CA LEU D 72 6.97 23.97 -1.86
C LEU D 72 8.23 23.33 -2.45
N LYS D 73 8.11 22.09 -2.86
CA LYS D 73 9.22 21.38 -3.47
C LYS D 73 9.31 21.71 -4.96
N GLU D 74 8.50 22.68 -5.39
CA GLU D 74 8.59 23.29 -6.72
C GLU D 74 8.44 22.30 -7.85
N SER D 75 7.80 21.16 -7.57
CA SER D 75 7.61 20.08 -8.54
C SER D 75 8.94 19.59 -9.10
N THR E 4 30.84 5.63 10.41
CA THR E 4 30.51 5.40 11.81
C THR E 4 31.68 4.77 12.56
N ARG E 5 32.51 5.61 13.17
CA ARG E 5 33.65 5.11 13.95
C ARG E 5 33.14 4.28 15.11
N THR E 6 32.04 4.73 15.71
CA THR E 6 31.33 3.94 16.71
C THR E 6 30.12 3.30 16.03
N GLU E 7 30.21 2.00 15.76
CA GLU E 7 29.12 1.29 15.12
C GLU E 7 27.85 1.44 15.94
N PRO E 8 26.73 1.75 15.29
CA PRO E 8 25.47 1.98 16.01
C PRO E 8 24.99 0.73 16.76
N SER E 9 25.41 -0.44 16.29
CA SER E 9 24.97 -1.70 16.87
C SER E 9 25.43 -1.89 18.31
N ILE E 10 26.56 -1.26 18.66
CA ILE E 10 27.09 -1.38 20.02
C ILE E 10 26.81 -0.16 20.87
N TRP E 11 25.97 0.75 20.36
CA TRP E 11 25.57 1.93 21.12
C TRP E 11 24.83 1.54 22.39
N THR E 12 25.24 2.11 23.52
CA THR E 12 24.57 1.86 24.79
C THR E 12 23.22 2.58 24.84
N VAL E 13 22.53 2.46 25.96
CA VAL E 13 21.26 3.16 26.13
C VAL E 13 21.50 4.67 26.19
N ASP E 14 22.62 5.07 26.78
CA ASP E 14 22.96 6.47 26.89
C ASP E 14 23.52 7.04 25.59
N ASP E 15 24.15 6.18 24.79
CA ASP E 15 24.67 6.60 23.49
C ASP E 15 23.51 6.95 22.55
N VAL E 16 22.40 6.23 22.70
CA VAL E 16 21.22 6.46 21.88
C VAL E 16 20.49 7.74 22.31
N TRP E 17 20.47 7.97 23.62
CA TRP E 17 19.87 9.19 24.16
C TRP E 17 20.52 10.44 23.57
N ALA E 18 21.85 10.41 23.50
CA ALA E 18 22.61 11.54 22.96
C ALA E 18 22.37 11.72 21.48
N PHE E 19 22.13 10.60 20.78
CA PHE E 19 21.85 10.63 19.36
C PHE E 19 20.52 11.31 19.07
N ILE E 20 19.49 10.91 19.80
CA ILE E 20 18.15 11.50 19.64
C ILE E 20 18.16 12.96 20.10
N HIS E 21 18.92 13.24 21.15
CA HIS E 21 19.02 14.59 21.69
C HIS E 21 19.62 15.56 20.68
N SER E 22 20.50 15.04 19.83
CA SER E 22 21.17 15.85 18.82
C SER E 22 20.24 16.15 17.63
N LEU E 23 19.12 15.45 17.59
CA LEU E 23 18.13 15.66 16.52
C LEU E 23 17.23 16.84 16.87
N PRO E 24 16.89 17.65 15.85
CA PRO E 24 16.10 18.88 16.04
C PRO E 24 14.71 18.62 16.61
N GLY E 25 14.45 19.18 17.79
CA GLY E 25 13.15 19.05 18.44
C GLY E 25 12.95 17.75 19.17
N CYS E 26 13.98 16.91 19.20
CA CYS E 26 13.88 15.60 19.83
C CYS E 26 14.67 15.53 21.14
N GLN E 27 14.95 16.68 21.73
CA GLN E 27 15.74 16.72 22.96
C GLN E 27 14.98 16.16 24.15
N ASP E 28 13.68 16.42 24.21
CA ASP E 28 12.85 15.92 25.29
C ASP E 28 12.46 14.47 25.07
N ILE E 29 12.14 14.13 23.83
CA ILE E 29 11.69 12.78 23.49
C ILE E 29 12.83 11.76 23.67
N ALA E 30 14.07 12.26 23.65
CA ALA E 30 15.24 11.42 23.85
C ALA E 30 15.19 10.70 25.19
N ASP E 31 14.61 11.36 26.20
CA ASP E 31 14.50 10.79 27.53
C ASP E 31 13.60 9.57 27.56
N GLU E 32 12.67 9.48 26.61
CA GLU E 32 11.77 8.33 26.53
C GLU E 32 12.49 7.11 25.97
N PHE E 33 13.40 7.35 25.02
CA PHE E 33 14.24 6.30 24.48
C PHE E 33 15.11 5.70 25.58
N ARG E 34 15.58 6.56 26.47
CA ARG E 34 16.41 6.12 27.59
C ARG E 34 15.56 5.37 28.61
N ALA E 35 14.32 5.80 28.77
CA ALA E 35 13.40 5.19 29.71
C ALA E 35 13.04 3.76 29.30
N GLN E 36 12.77 3.56 28.01
CA GLN E 36 12.40 2.23 27.51
C GLN E 36 13.62 1.35 27.24
N GLU E 37 14.78 1.82 27.68
CA GLU E 37 16.04 1.08 27.56
C GLU E 37 16.34 0.68 26.12
N ILE E 38 16.30 1.65 25.22
CA ILE E 38 16.61 1.41 23.83
C ILE E 38 18.08 1.65 23.55
N ASP E 39 18.83 0.56 23.40
CA ASP E 39 20.23 0.65 23.01
C ASP E 39 20.33 0.71 21.49
N GLY E 40 21.56 0.67 20.97
CA GLY E 40 21.77 0.74 19.55
C GLY E 40 21.16 -0.46 18.83
N GLN E 41 21.11 -1.58 19.53
CA GLN E 41 20.53 -2.80 19.00
C GLN E 41 19.03 -2.63 18.77
N ALA E 42 18.34 -2.13 19.78
CA ALA E 42 16.90 -1.88 19.69
C ALA E 42 16.59 -0.74 18.73
N LEU E 43 17.50 0.22 18.65
CA LEU E 43 17.34 1.38 17.79
C LEU E 43 17.25 0.98 16.33
N LEU E 44 17.97 -0.06 15.95
CA LEU E 44 17.98 -0.55 14.57
C LEU E 44 16.82 -1.50 14.30
N LEU E 45 16.19 -1.98 15.36
CA LEU E 45 15.06 -2.90 15.24
C LEU E 45 13.75 -2.13 15.12
N LEU E 46 13.81 -0.83 15.42
CA LEU E 46 12.63 0.04 15.36
C LEU E 46 12.12 0.17 13.92
N LYS E 47 10.80 0.21 13.79
CA LYS E 47 10.17 0.46 12.50
C LYS E 47 9.35 1.75 12.59
N GLU E 48 8.90 2.22 11.43
CA GLU E 48 8.19 3.50 11.35
C GLU E 48 6.93 3.52 12.20
N ASP E 49 6.24 2.38 12.27
CA ASP E 49 5.03 2.25 13.07
C ASP E 49 5.33 2.22 14.56
N HIS E 50 6.49 1.68 14.92
CA HIS E 50 6.88 1.54 16.31
C HIS E 50 7.00 2.89 17.02
N LEU E 51 7.44 3.91 16.29
CA LEU E 51 7.67 5.23 16.87
C LEU E 51 6.40 5.86 17.41
N MET E 52 5.37 5.94 16.58
CA MET E 52 4.12 6.60 16.95
C MET E 52 3.36 5.85 18.04
N SER E 53 3.00 4.60 17.74
CA SER E 53 2.07 3.83 18.57
C SER E 53 2.70 3.26 19.85
N ALA E 54 3.84 2.61 19.71
CA ALA E 54 4.45 1.89 20.83
C ALA E 54 4.93 2.82 21.95
N MET E 55 5.62 3.89 21.58
CA MET E 55 6.24 4.76 22.58
C MET E 55 5.47 6.04 22.86
N ASN E 56 4.31 6.18 22.23
CA ASN E 56 3.48 7.39 22.35
C ASN E 56 4.28 8.64 21.98
N ILE E 57 5.06 8.54 20.91
CA ILE E 57 5.87 9.66 20.43
C ILE E 57 5.08 10.53 19.47
N LYS E 58 5.20 11.84 19.63
CA LYS E 58 4.55 12.77 18.72
C LYS E 58 5.09 12.61 17.30
N ARG E 59 4.23 12.85 16.32
CA ARG E 59 4.55 12.56 14.93
C ARG E 59 5.75 13.35 14.40
N GLY E 60 5.81 14.63 14.77
CA GLY E 60 6.89 15.51 14.34
C GLY E 60 8.28 14.95 14.57
N PRO E 61 8.66 14.74 15.85
CA PRO E 61 9.91 14.06 16.18
C PRO E 61 10.02 12.67 15.57
N ALA E 62 8.93 11.90 15.61
CA ALA E 62 8.92 10.53 15.11
C ALA E 62 9.33 10.45 13.64
N LEU E 63 8.92 11.44 12.86
CA LEU E 63 9.28 11.50 11.45
C LEU E 63 10.78 11.75 11.28
N LYS E 64 11.31 12.68 12.06
CA LYS E 64 12.72 13.05 11.96
C LYS E 64 13.61 11.97 12.56
N ILE E 65 13.13 11.32 13.62
CA ILE E 65 13.85 10.21 14.22
C ILE E 65 13.95 9.04 13.23
N CME E 66 12.86 8.79 12.52
CA CME E 66 12.80 7.70 11.57
CB CME E 66 11.40 7.45 10.97
SG CME E 66 11.28 5.97 10.03
SD CME E 66 11.81 4.39 11.32
CE CME E 66 12.48 3.11 10.33
CZ CME E 66 13.79 2.57 10.85
OH CME E 66 14.68 2.60 9.73
C CME E 66 13.74 7.94 10.40
O CME E 66 14.42 7.06 9.88
N ALA E 67 13.78 9.20 9.97
CA ALA E 67 14.58 9.61 8.83
C ALA E 67 16.08 9.53 9.12
N ARG E 68 16.48 10.04 10.29
CA ARG E 68 17.89 10.07 10.67
C ARG E 68 18.43 8.68 10.94
N ILE E 69 17.54 7.74 11.26
CA ILE E 69 17.94 6.36 11.46
C ILE E 69 18.23 5.70 10.11
N ASN E 70 17.37 5.98 9.13
CA ASN E 70 17.57 5.47 7.77
C ASN E 70 18.86 6.00 7.15
N SER E 71 19.21 7.24 7.49
CA SER E 71 20.46 7.84 7.02
C SER E 71 21.65 7.25 7.78
N LEU E 72 21.39 6.85 9.02
CA LEU E 72 22.40 6.22 9.86
C LEU E 72 22.75 4.83 9.35
N LYS E 73 21.77 4.17 8.74
CA LYS E 73 21.92 2.80 8.29
C LYS E 73 22.64 2.67 6.95
N GLU E 74 22.97 3.80 6.34
CA GLU E 74 23.57 3.80 5.01
C GLU E 74 25.00 3.25 5.00
N SER E 75 25.58 3.08 6.18
CA SER E 75 26.95 2.59 6.30
C SER E 75 27.11 1.20 5.68
N ARG F 5 15.67 -32.17 25.14
CA ARG F 5 16.81 -31.27 25.02
C ARG F 5 16.35 -29.91 24.46
N THR F 6 17.21 -29.30 23.64
CA THR F 6 16.96 -27.96 23.12
C THR F 6 16.28 -27.97 21.75
N GLU F 7 14.95 -27.93 21.77
CA GLU F 7 14.14 -27.66 20.58
C GLU F 7 13.05 -26.69 20.99
N PRO F 8 12.95 -25.54 20.30
CA PRO F 8 12.09 -24.44 20.71
C PRO F 8 10.67 -24.85 21.10
N SER F 9 9.99 -25.61 20.25
CA SER F 9 8.58 -25.93 20.47
C SER F 9 8.35 -26.81 21.70
N ILE F 10 9.39 -27.50 22.16
CA ILE F 10 9.24 -28.43 23.27
C ILE F 10 9.89 -27.90 24.54
N TRP F 11 10.35 -26.64 24.51
CA TRP F 11 10.97 -26.02 25.67
C TRP F 11 10.02 -25.91 26.85
N THR F 12 10.59 -25.96 28.06
CA THR F 12 9.81 -25.81 29.28
C THR F 12 9.81 -24.34 29.70
N VAL F 13 9.14 -24.05 30.81
CA VAL F 13 9.10 -22.70 31.35
C VAL F 13 10.50 -22.26 31.78
N ASP F 14 11.28 -23.21 32.30
CA ASP F 14 12.66 -22.94 32.70
C ASP F 14 13.54 -22.69 31.49
N ASP F 15 13.32 -23.47 30.43
CA ASP F 15 14.08 -23.35 29.19
C ASP F 15 13.91 -21.96 28.58
N VAL F 16 12.69 -21.43 28.65
CA VAL F 16 12.39 -20.10 28.15
C VAL F 16 13.09 -19.03 28.99
N TRP F 17 13.01 -19.18 30.31
CA TRP F 17 13.65 -18.24 31.24
C TRP F 17 15.14 -18.10 30.98
N ALA F 18 15.82 -19.24 30.90
CA ALA F 18 17.25 -19.26 30.64
C ALA F 18 17.56 -18.64 29.29
N PHE F 19 16.63 -18.79 28.35
CA PHE F 19 16.78 -18.22 27.02
C PHE F 19 16.65 -16.69 27.05
N ILE F 20 15.61 -16.20 27.73
CA ILE F 20 15.38 -14.76 27.83
C ILE F 20 16.45 -14.09 28.67
N HIS F 21 16.90 -14.79 29.71
CA HIS F 21 17.86 -14.24 30.66
C HIS F 21 19.23 -13.99 30.02
N SER F 22 19.62 -14.87 29.10
CA SER F 22 20.92 -14.76 28.44
C SER F 22 21.02 -13.52 27.58
N LEU F 23 19.86 -12.98 27.19
CA LEU F 23 19.81 -11.79 26.36
C LEU F 23 20.11 -10.54 27.19
N PRO F 24 20.82 -9.57 26.58
CA PRO F 24 21.23 -8.33 27.25
C PRO F 24 20.06 -7.45 27.67
N GLY F 25 19.96 -7.16 28.96
CA GLY F 25 18.94 -6.26 29.47
C GLY F 25 17.56 -6.88 29.58
N CYS F 26 17.45 -8.17 29.30
CA CYS F 26 16.17 -8.87 29.37
C CYS F 26 16.13 -9.82 30.55
N GLN F 27 16.83 -9.47 31.61
CA GLN F 27 17.02 -10.37 32.74
C GLN F 27 15.80 -10.41 33.67
N ASP F 28 15.25 -9.25 34.00
CA ASP F 28 14.06 -9.18 34.84
C ASP F 28 12.82 -9.69 34.10
N ILE F 29 12.78 -9.41 32.81
CA ILE F 29 11.68 -9.84 31.96
C ILE F 29 11.58 -11.36 31.92
N ALA F 30 12.73 -12.03 31.96
CA ALA F 30 12.78 -13.49 32.01
C ALA F 30 12.01 -14.04 33.20
N ASP F 31 12.07 -13.33 34.32
CA ASP F 31 11.34 -13.73 35.52
C ASP F 31 9.84 -13.58 35.31
N GLU F 32 9.44 -12.59 34.52
CA GLU F 32 8.03 -12.40 34.20
C GLU F 32 7.53 -13.54 33.33
N PHE F 33 8.36 -13.96 32.39
CA PHE F 33 8.04 -15.09 31.53
C PHE F 33 7.80 -16.35 32.34
N ARG F 34 8.61 -16.54 33.38
CA ARG F 34 8.45 -17.65 34.32
C ARG F 34 7.07 -17.65 34.94
N ALA F 35 6.72 -16.52 35.53
CA ALA F 35 5.50 -16.39 36.31
C ALA F 35 4.26 -16.59 35.45
N GLN F 36 4.38 -16.29 34.16
CA GLN F 36 3.25 -16.43 33.24
C GLN F 36 3.21 -17.81 32.60
N GLU F 37 4.06 -18.71 33.09
CA GLU F 37 4.12 -20.09 32.58
C GLU F 37 4.29 -20.16 31.06
N ILE F 38 5.19 -19.32 30.53
CA ILE F 38 5.48 -19.33 29.11
C ILE F 38 6.53 -20.37 28.77
N ASP F 39 6.08 -21.50 28.22
CA ASP F 39 6.99 -22.52 27.72
C ASP F 39 7.33 -22.22 26.27
N GLY F 40 8.11 -23.10 25.64
CA GLY F 40 8.54 -22.89 24.27
C GLY F 40 7.38 -22.80 23.30
N GLN F 41 6.30 -23.50 23.63
CA GLN F 41 5.09 -23.50 22.80
C GLN F 41 4.44 -22.12 22.81
N ALA F 42 4.31 -21.55 24.01
CA ALA F 42 3.70 -20.24 24.16
C ALA F 42 4.64 -19.14 23.69
N LEU F 43 5.94 -19.41 23.74
CA LEU F 43 6.94 -18.45 23.29
C LEU F 43 6.85 -18.23 21.79
N LEU F 44 6.51 -19.29 21.06
CA LEU F 44 6.39 -19.23 19.60
C LEU F 44 5.04 -18.67 19.16
N LEU F 45 4.14 -18.48 20.13
CA LEU F 45 2.80 -17.97 19.84
C LEU F 45 2.71 -16.47 20.11
N LEU F 46 3.74 -15.93 20.77
CA LEU F 46 3.78 -14.51 21.09
C LEU F 46 3.84 -13.65 19.82
N LYS F 47 3.12 -12.53 19.85
CA LYS F 47 3.11 -11.58 18.74
C LYS F 47 3.80 -10.29 19.15
N GLU F 48 3.99 -9.40 18.18
CA GLU F 48 4.66 -8.13 18.43
C GLU F 48 3.86 -7.27 19.40
N ASP F 49 2.54 -7.29 19.24
CA ASP F 49 1.65 -6.52 20.11
C ASP F 49 1.75 -6.95 21.56
N HIS F 50 1.98 -8.24 21.77
CA HIS F 50 2.10 -8.81 23.10
C HIS F 50 3.30 -8.26 23.83
N LEU F 51 4.37 -8.00 23.08
CA LEU F 51 5.63 -7.55 23.64
C LEU F 51 5.66 -6.03 23.84
N MET F 52 5.42 -5.30 22.75
CA MET F 52 5.51 -3.85 22.80
C MET F 52 4.52 -3.28 23.80
N SER F 53 3.24 -3.50 23.56
CA SER F 53 2.18 -2.82 24.31
C SER F 53 1.42 -3.69 25.33
N ALA F 54 0.91 -4.84 24.87
CA ALA F 54 -0.08 -5.61 25.63
C ALA F 54 0.31 -5.89 27.08
N MET F 55 1.60 -5.87 27.37
CA MET F 55 2.06 -6.01 28.74
C MET F 55 3.16 -4.98 29.04
N ASN F 56 3.25 -4.57 30.30
CA ASN F 56 4.25 -3.60 30.72
C ASN F 56 5.68 -4.16 30.63
N ILE F 57 6.28 -3.98 29.45
CA ILE F 57 7.68 -4.34 29.21
C ILE F 57 8.30 -3.24 28.36
N LYS F 58 9.47 -2.74 28.78
CA LYS F 58 10.15 -1.65 28.07
C LYS F 58 10.42 -2.03 26.60
N ARG F 59 10.18 -1.10 25.68
CA ARG F 59 10.25 -1.40 24.25
C ARG F 59 11.61 -1.91 23.80
N GLY F 60 12.67 -1.40 24.43
CA GLY F 60 14.04 -1.74 24.08
C GLY F 60 14.28 -3.24 24.10
N PRO F 61 14.23 -3.84 25.30
CA PRO F 61 14.35 -5.29 25.42
C PRO F 61 13.21 -6.04 24.70
N ALA F 62 12.04 -5.42 24.62
CA ALA F 62 10.90 -6.02 23.92
C ALA F 62 11.20 -6.21 22.44
N LEU F 63 11.89 -5.23 21.85
CA LEU F 63 12.29 -5.30 20.45
C LEU F 63 13.31 -6.40 20.22
N LYS F 64 14.26 -6.52 21.15
CA LYS F 64 15.34 -7.48 21.01
C LYS F 64 14.85 -8.91 21.23
N ILE F 65 13.89 -9.08 22.14
CA ILE F 65 13.29 -10.38 22.36
C ILE F 65 12.51 -10.81 21.12
N CME F 66 11.82 -9.84 20.52
CA CME F 66 11.02 -10.10 19.33
CB CME F 66 10.24 -8.88 18.83
SG CME F 66 9.07 -9.22 17.56
SD CME F 66 7.58 -10.41 18.45
CE CME F 66 7.06 -11.58 17.24
CZ CME F 66 7.82 -12.89 17.35
OH CME F 66 7.63 -13.56 16.10
C CME F 66 11.91 -10.59 18.20
O CME F 66 11.63 -11.53 17.46
N ALA F 67 13.04 -9.91 18.06
CA ALA F 67 13.99 -10.22 17.00
C ALA F 67 14.61 -11.60 17.18
N ARG F 68 14.91 -11.95 18.43
CA ARG F 68 15.57 -13.23 18.71
C ARG F 68 14.59 -14.39 18.55
N ILE F 69 13.31 -14.13 18.79
CA ILE F 69 12.27 -15.12 18.55
C ILE F 69 12.09 -15.30 17.04
N ASN F 70 12.18 -14.19 16.31
CA ASN F 70 12.10 -14.22 14.85
C ASN F 70 13.25 -15.00 14.24
N SER F 71 14.46 -14.79 14.76
CA SER F 71 15.64 -15.52 14.28
C SER F 71 15.55 -16.99 14.68
N LEU F 72 14.88 -17.25 15.80
CA LEU F 72 14.69 -18.60 16.29
C LEU F 72 13.73 -19.38 15.39
N LYS F 73 12.90 -18.64 14.65
CA LYS F 73 11.89 -19.23 13.78
C LYS F 73 12.40 -19.46 12.36
N GLU F 74 13.68 -19.21 12.13
CA GLU F 74 14.26 -19.36 10.79
C GLU F 74 15.06 -20.65 10.66
N SER F 75 14.54 -21.59 9.88
CA SER F 75 15.22 -22.85 9.62
C SER F 75 14.79 -23.45 8.27
#